data_7E65
#
_entry.id   7E65
#
_cell.length_a   56.441
_cell.length_b   91.037
_cell.length_c   100.877
_cell.angle_alpha   90.000
_cell.angle_beta   90.000
_cell.angle_gamma   90.000
#
_symmetry.space_group_name_H-M   'P 21 21 21'
#
loop_
_entity.id
_entity.type
_entity.pdbx_description
1 polymer 'Peptidase M23'
2 non-polymer 'ZINC ION'
3 non-polymer (2S)-2-acetamido-N-[(2R)-1-(oxidanylamino)-1-oxidanylidene-propan-2-yl]-3-(4-sulfamoylphenyl)propanamide
4 water water
#
_entity_poly.entity_id   1
_entity_poly.type   'polypeptide(L)'
_entity_poly.pdbx_seq_one_letter_code
;MELIKGQALFLELDKKDFLSLKNNDKNIPTFAHPKNQEKILAIFSLPYKNPPQNTKLIAFYKDKKEEIFIKTLEGNYKSE
KLQVENKKIFPPKTIQERIAKELKEANAIYSSYTPKALFNGAFNIPLNSFITSDFGKARTFNEKVASYHSGTDFRAATGT
PIYAANSGVVKIAKDRYFAGNSVVIDHGFGIYSQYYHLSKIDVKVGQKIKKGELIGLSGASGRVSGPALHFGILAGGKQV
DPLDFVSKFNAIFQL
;
_entity_poly.pdbx_strand_id   A,B
#
loop_
_chem_comp.id
_chem_comp.type
_chem_comp.name
_chem_comp.formula
HXO non-polymer (2S)-2-acetamido-N-[(2R)-1-(oxidanylamino)-1-oxidanylidene-propan-2-yl]-3-(4-sulfamoylphenyl)propanamide 'C14 H20 N4 O6 S'
ZN non-polymer 'ZINC ION' 'Zn 2'
#
# COMPACT_ATOMS: atom_id res chain seq x y z
N MET A 1 17.21 -17.44 -2.71
CA MET A 1 16.00 -16.58 -2.74
C MET A 1 15.41 -16.56 -4.14
N GLU A 2 14.24 -15.94 -4.25
CA GLU A 2 13.57 -15.73 -5.52
C GLU A 2 13.10 -14.30 -5.64
N LEU A 3 13.07 -13.77 -6.86
CA LEU A 3 12.53 -12.43 -7.10
C LEU A 3 11.86 -12.37 -8.45
N ILE A 4 10.72 -11.69 -8.52
CA ILE A 4 10.04 -11.45 -9.77
C ILE A 4 10.76 -10.36 -10.54
N LYS A 5 10.97 -10.57 -11.82
CA LYS A 5 11.53 -9.52 -12.68
C LYS A 5 10.70 -8.24 -12.58
N GLY A 6 11.38 -7.11 -12.71
CA GLY A 6 10.74 -5.82 -12.45
C GLY A 6 10.47 -5.54 -10.98
N GLN A 7 11.04 -6.33 -10.07
CA GLN A 7 10.95 -6.06 -8.63
C GLN A 7 12.29 -5.79 -7.97
N ALA A 8 12.18 -5.09 -6.83
CA ALA A 8 13.30 -4.77 -5.98
C ALA A 8 13.19 -5.64 -4.76
N LEU A 9 14.34 -5.87 -4.14
CA LEU A 9 14.43 -6.68 -2.95
C LEU A 9 15.48 -6.09 -1.98
N PHE A 10 15.13 -5.96 -0.72
CA PHE A 10 16.05 -5.41 0.27
C PHE A 10 16.88 -6.52 0.90
N LEU A 11 18.19 -6.54 0.63
CA LEU A 11 19.12 -7.51 1.24
C LEU A 11 19.66 -7.02 2.57
N GLU A 12 19.79 -7.92 3.53
CA GLU A 12 20.29 -7.54 4.83
C GLU A 12 21.56 -8.29 5.09
N LEU A 13 22.59 -7.60 5.58
CA LEU A 13 23.92 -8.19 5.81
C LEU A 13 24.55 -7.67 7.09
N ASP A 14 25.47 -8.46 7.66
CA ASP A 14 26.22 -8.03 8.86
C ASP A 14 27.09 -6.83 8.55
N LYS A 15 27.09 -5.87 9.47
CA LYS A 15 27.83 -4.63 9.29
C LYS A 15 29.34 -4.85 9.38
N LYS A 16 29.77 -5.58 10.41
CA LYS A 16 31.21 -5.62 10.76
C LYS A 16 31.99 -6.57 9.88
N ASP A 17 33.24 -6.18 9.64
CA ASP A 17 34.19 -6.89 8.75
C ASP A 17 33.73 -6.95 7.31
N PHE A 18 32.66 -6.21 6.99
CA PHE A 18 32.08 -6.21 5.65
C PHE A 18 32.90 -5.30 4.78
N LEU A 19 33.32 -5.78 3.63
CA LEU A 19 34.12 -4.95 2.71
C LEU A 19 33.37 -4.55 1.47
N SER A 20 32.70 -5.51 0.84
CA SER A 20 32.05 -5.19 -0.42
C SER A 20 31.01 -6.23 -0.82
N LEU A 21 30.08 -5.81 -1.66
CA LEU A 21 29.02 -6.67 -2.18
C LEU A 21 29.07 -6.56 -3.67
N LYS A 22 29.13 -7.70 -4.36
CA LYS A 22 29.39 -7.68 -5.79
C LYS A 22 28.47 -8.59 -6.58
N ASN A 23 28.17 -8.14 -7.80
CA ASN A 23 27.54 -8.95 -8.84
C ASN A 23 28.43 -8.83 -10.04
N ASN A 24 29.10 -9.93 -10.40
CA ASN A 24 30.16 -9.87 -11.39
C ASN A 24 31.15 -8.77 -10.99
N ASP A 25 31.39 -7.81 -11.88
CA ASP A 25 32.30 -6.68 -11.63
C ASP A 25 31.62 -5.62 -10.74
N LYS A 26 30.33 -5.40 -10.98
CA LYS A 26 29.51 -4.38 -10.31
C LYS A 26 29.53 -4.45 -8.81
N ASN A 27 30.10 -3.43 -8.17
CA ASN A 27 29.83 -3.17 -6.76
C ASN A 27 28.38 -2.78 -6.56
N ILE A 28 27.73 -3.32 -5.55
CA ILE A 28 26.39 -2.89 -5.18
C ILE A 28 26.52 -2.07 -3.90
N PRO A 29 25.99 -0.82 -3.91
CA PRO A 29 26.13 -0.02 -2.69
C PRO A 29 25.32 -0.55 -1.51
N THR A 30 25.76 -0.18 -0.32
CA THR A 30 25.09 -0.55 0.92
C THR A 30 24.76 0.72 1.70
N PHE A 31 23.78 0.61 2.58
CA PHE A 31 23.47 1.68 3.53
C PHE A 31 23.11 1.06 4.86
N ALA A 32 23.05 1.89 5.89
CA ALA A 32 22.81 1.37 7.24
C ALA A 32 21.41 0.79 7.32
N HIS A 33 21.25 -0.27 8.09
CA HIS A 33 19.92 -0.70 8.55
C HIS A 33 19.44 0.34 9.57
N PRO A 34 18.22 0.87 9.42
CA PRO A 34 17.78 1.94 10.34
C PRO A 34 17.50 1.53 11.80
N LYS A 35 17.27 0.24 12.03
CA LYS A 35 16.83 -0.24 13.33
C LYS A 35 17.80 -1.20 14.00
N ASN A 36 18.87 -1.56 13.32
CA ASN A 36 19.83 -2.48 13.88
C ASN A 36 21.25 -2.07 13.53
N GLN A 37 21.95 -1.57 14.54
CA GLN A 37 23.32 -1.10 14.39
C GLN A 37 24.28 -2.16 13.79
N GLU A 38 23.98 -3.45 13.95
CA GLU A 38 24.87 -4.49 13.38
C GLU A 38 24.52 -4.93 11.97
N LYS A 39 23.59 -4.25 11.33
CA LYS A 39 23.18 -4.63 9.99
C LYS A 39 23.38 -3.54 8.98
N ILE A 40 23.61 -3.97 7.75
CA ILE A 40 23.53 -3.07 6.59
C ILE A 40 22.54 -3.61 5.57
N LEU A 41 22.01 -2.72 4.77
CA LEU A 41 21.07 -3.11 3.73
C LEU A 41 21.67 -2.89 2.35
N ALA A 42 21.20 -3.63 1.36
CA ALA A 42 21.44 -3.30 -0.02
C ALA A 42 20.18 -3.56 -0.75
N ILE A 43 19.98 -2.86 -1.87
CA ILE A 43 18.86 -3.12 -2.76
C ILE A 43 19.31 -3.79 -4.05
N PHE A 44 18.62 -4.87 -4.41
CA PHE A 44 18.91 -5.57 -5.63
C PHE A 44 17.63 -5.63 -6.45
N SER A 45 17.73 -5.21 -7.71
CA SER A 45 16.59 -5.14 -8.61
C SER A 45 16.82 -5.92 -9.87
N LEU A 46 15.78 -6.59 -10.34
CA LEU A 46 15.85 -7.23 -11.64
C LEU A 46 15.20 -6.33 -12.73
N PRO A 47 15.85 -6.28 -13.91
CA PRO A 47 15.19 -5.60 -15.02
C PRO A 47 13.98 -6.42 -15.42
N TYR A 48 13.00 -5.73 -15.98
CA TYR A 48 11.82 -6.36 -16.54
C TYR A 48 12.18 -7.00 -17.88
N LYS A 49 12.85 -6.23 -18.71
CA LYS A 49 13.29 -6.67 -20.03
C LYS A 49 14.61 -7.47 -19.89
N ASN A 50 14.63 -8.67 -20.46
CA ASN A 50 15.85 -9.50 -20.56
C ASN A 50 16.54 -9.80 -19.24
N PRO A 51 15.80 -10.20 -18.20
CA PRO A 51 16.57 -10.54 -17.02
C PRO A 51 17.44 -11.77 -17.30
N PRO A 52 18.41 -12.07 -16.42
CA PRO A 52 19.09 -13.35 -16.47
C PRO A 52 18.27 -14.37 -15.71
N GLN A 53 18.52 -15.65 -15.95
CA GLN A 53 17.76 -16.73 -15.28
C GLN A 53 18.03 -16.77 -13.75
N ASN A 54 19.29 -16.52 -13.39
CA ASN A 54 19.77 -16.60 -12.01
C ASN A 54 20.81 -15.53 -11.71
N THR A 55 20.99 -15.20 -10.43
CA THR A 55 21.97 -14.22 -9.98
C THR A 55 22.77 -14.76 -8.78
N LYS A 56 24.09 -14.65 -8.87
CA LYS A 56 24.99 -15.05 -7.78
C LYS A 56 25.73 -13.81 -7.30
N LEU A 57 25.36 -13.35 -6.10
CA LEU A 57 26.03 -12.20 -5.49
C LEU A 57 27.03 -12.67 -4.46
N ILE A 58 28.15 -11.96 -4.36
CA ILE A 58 29.16 -12.28 -3.37
C ILE A 58 29.44 -11.10 -2.45
N ALA A 59 29.30 -11.36 -1.15
CA ALA A 59 29.62 -10.39 -0.14
C ALA A 59 30.99 -10.73 0.47
N PHE A 60 31.98 -9.89 0.18
CA PHE A 60 33.33 -10.06 0.66
C PHE A 60 33.54 -9.46 2.04
N TYR A 61 34.00 -10.30 2.97
CA TYR A 61 34.32 -9.90 4.32
C TYR A 61 35.82 -10.13 4.51
N LYS A 62 36.42 -9.52 5.52
CA LYS A 62 37.86 -9.61 5.78
C LYS A 62 38.42 -11.03 5.73
N ASP A 63 37.69 -11.95 6.34
CA ASP A 63 38.15 -13.31 6.58
C ASP A 63 37.21 -14.35 5.97
N LYS A 64 36.34 -13.91 5.06
CA LYS A 64 35.16 -14.67 4.70
C LYS A 64 34.55 -14.12 3.40
N LYS A 65 33.87 -14.99 2.66
CA LYS A 65 33.37 -14.68 1.34
C LYS A 65 32.03 -15.39 1.12
N GLU A 66 30.94 -14.86 1.71
CA GLU A 66 29.60 -15.48 1.56
C GLU A 66 28.88 -15.20 0.21
N GLU A 67 28.18 -16.22 -0.29
CA GLU A 67 27.44 -16.17 -1.57
C GLU A 67 25.94 -16.00 -1.34
N ILE A 68 25.26 -15.48 -2.35
CA ILE A 68 23.83 -15.25 -2.27
C ILE A 68 23.20 -15.57 -3.63
N PHE A 69 22.28 -16.52 -3.64
CA PHE A 69 21.64 -16.96 -4.87
C PHE A 69 20.26 -16.33 -4.96
N ILE A 70 19.94 -15.75 -6.10
CA ILE A 70 18.60 -15.22 -6.34
C ILE A 70 18.15 -15.71 -7.72
N LYS A 71 17.02 -16.41 -7.73
CA LYS A 71 16.43 -16.90 -8.96
C LYS A 71 15.38 -15.94 -9.46
N THR A 72 15.37 -15.69 -10.77
CA THR A 72 14.38 -14.82 -11.42
C THR A 72 13.03 -15.51 -11.68
N LEU A 73 11.96 -15.00 -11.08
CA LEU A 73 10.62 -15.46 -11.42
C LEU A 73 10.04 -14.62 -12.55
N GLU A 74 9.01 -15.14 -13.18
CA GLU A 74 8.31 -14.44 -14.27
C GLU A 74 7.20 -13.51 -13.80
N GLY A 75 6.50 -13.90 -12.74
CA GLY A 75 5.33 -13.18 -12.25
C GLY A 75 4.15 -13.41 -13.18
N ASN A 76 2.98 -12.92 -12.79
CA ASN A 76 1.80 -13.03 -13.64
C ASN A 76 1.44 -11.66 -14.19
N TYR A 77 2.35 -11.11 -15.01
CA TYR A 77 2.16 -9.79 -15.60
C TYR A 77 1.16 -9.87 -16.76
N LYS A 78 0.41 -8.79 -17.00
CA LYS A 78 -0.51 -8.68 -18.15
C LYS A 78 0.25 -8.54 -19.47
N SER A 79 -0.19 -9.28 -20.48
CA SER A 79 0.62 -9.50 -21.66
C SER A 79 -0.24 -9.55 -22.91
N GLU A 80 0.15 -8.77 -23.91
CA GLU A 80 -0.61 -8.60 -25.15
C GLU A 80 0.36 -8.80 -26.29
N LYS A 81 0.25 -9.93 -27.00
CA LYS A 81 1.15 -10.23 -28.11
C LYS A 81 0.84 -9.38 -29.33
N LEU A 82 1.88 -9.07 -30.12
CA LEU A 82 1.73 -8.47 -31.45
C LEU A 82 2.31 -9.42 -32.50
N GLN A 83 1.44 -10.06 -33.27
CA GLN A 83 1.87 -10.95 -34.36
C GLN A 83 1.84 -10.25 -35.74
N VAL A 84 1.01 -9.21 -35.84
CA VAL A 84 0.76 -8.50 -37.10
C VAL A 84 1.97 -7.76 -37.69
N GLU A 85 2.82 -7.21 -36.81
CA GLU A 85 4.06 -6.47 -37.17
C GLU A 85 3.88 -5.17 -38.00
N ASN A 86 4.54 -5.08 -39.15
CA ASN A 86 4.56 -3.88 -39.98
C ASN A 86 5.43 -2.80 -39.36
N LYS A 87 6.33 -3.20 -38.48
CA LYS A 87 7.16 -2.26 -37.69
C LYS A 87 8.21 -1.43 -38.44
N LYS A 88 8.27 -0.14 -38.08
CA LYS A 88 9.28 0.80 -38.58
C LYS A 88 9.74 1.68 -37.44
N ILE A 89 8.83 2.51 -36.94
CA ILE A 89 8.97 3.37 -35.71
C ILE A 89 10.20 4.29 -35.51
N PHE A 90 10.51 5.13 -36.50
CA PHE A 90 11.59 6.11 -36.37
C PHE A 90 11.11 7.54 -36.62
N PRO A 91 11.40 8.51 -35.70
CA PRO A 91 10.93 9.87 -36.02
C PRO A 91 12.02 10.79 -36.59
N PRO A 92 11.70 12.08 -36.88
CA PRO A 92 12.70 13.02 -37.43
C PRO A 92 13.99 13.12 -36.60
N LYS A 93 15.06 13.66 -37.19
CA LYS A 93 16.41 13.63 -36.58
C LYS A 93 16.60 14.56 -35.38
N THR A 94 16.08 15.78 -35.44
CA THR A 94 16.10 16.67 -34.28
C THR A 94 15.15 16.19 -33.17
N ILE A 95 14.17 15.36 -33.50
CA ILE A 95 13.32 14.73 -32.50
C ILE A 95 14.05 13.55 -31.84
N GLN A 96 14.82 12.83 -32.63
CA GLN A 96 15.67 11.76 -32.13
C GLN A 96 16.77 12.33 -31.26
N GLU A 97 17.28 13.51 -31.64
CA GLU A 97 18.28 14.19 -30.83
C GLU A 97 17.72 14.55 -29.47
N ARG A 98 16.46 15.00 -29.45
CA ARG A 98 15.79 15.32 -28.19
C ARG A 98 15.69 14.05 -27.39
N ILE A 99 15.14 13.01 -28.02
CA ILE A 99 14.97 11.76 -27.31
C ILE A 99 16.32 11.28 -26.74
N ALA A 100 17.38 11.36 -27.53
CA ALA A 100 18.71 10.92 -27.12
C ALA A 100 19.27 11.71 -25.92
N LYS A 101 19.09 13.03 -26.00
CA LYS A 101 19.61 13.92 -24.99
C LYS A 101 18.87 13.71 -23.66
N GLU A 102 17.54 13.71 -23.72
CA GLU A 102 16.75 13.52 -22.49
C GLU A 102 17.04 12.16 -21.79
N LEU A 103 17.29 11.14 -22.62
CA LEU A 103 17.63 9.78 -22.20
C LEU A 103 18.99 9.73 -21.51
N LYS A 104 19.96 10.49 -22.02
CA LYS A 104 21.28 10.45 -21.42
C LYS A 104 21.31 11.30 -20.17
N GLU A 105 20.55 12.39 -20.15
CA GLU A 105 20.41 13.15 -18.91
C GLU A 105 19.82 12.25 -17.82
N ALA A 106 18.78 11.52 -18.17
CA ALA A 106 18.04 10.72 -17.21
C ALA A 106 18.92 9.59 -16.66
N ASN A 107 19.67 8.92 -17.52
CA ASN A 107 20.62 7.91 -17.11
C ASN A 107 21.76 8.43 -16.25
N ALA A 108 22.22 9.65 -16.50
CA ALA A 108 23.22 10.28 -15.68
C ALA A 108 22.70 10.39 -14.26
N ILE A 109 21.44 10.76 -14.13
CA ILE A 109 20.83 10.90 -12.81
C ILE A 109 20.64 9.49 -12.21
N TYR A 110 20.03 8.59 -12.98
CA TYR A 110 19.69 7.27 -12.46
C TYR A 110 20.93 6.41 -12.13
N SER A 111 22.03 6.61 -12.84
CA SER A 111 23.28 5.90 -12.55
C SER A 111 23.80 6.33 -11.21
N SER A 112 23.56 7.59 -10.90
CA SER A 112 24.14 8.24 -9.74
C SER A 112 23.59 7.69 -8.39
N TYR A 113 24.42 7.78 -7.36
CA TYR A 113 24.09 7.26 -6.03
C TYR A 113 24.47 8.28 -4.94
N THR A 114 23.47 8.96 -4.40
CA THR A 114 23.67 9.84 -3.24
C THR A 114 23.82 8.91 -2.04
N PRO A 115 24.97 8.94 -1.35
CA PRO A 115 25.20 7.98 -0.27
C PRO A 115 24.62 8.36 1.08
N LYS A 116 23.56 9.15 1.10
CA LYS A 116 22.84 9.41 2.34
C LYS A 116 21.33 9.39 2.08
N ALA A 117 20.55 9.28 3.17
CA ALA A 117 19.10 9.24 3.04
C ALA A 117 18.58 10.63 3.00
N LEU A 118 17.86 10.94 1.93
CA LEU A 118 17.17 12.24 1.81
C LEU A 118 15.71 12.14 2.15
N PHE A 119 15.21 10.91 2.25
CA PHE A 119 13.80 10.64 2.59
C PHE A 119 13.58 10.84 4.07
N ASN A 120 12.32 10.76 4.46
CA ASN A 120 11.95 10.96 5.82
C ASN A 120 10.79 10.05 6.15
N GLY A 121 11.11 8.91 6.72
CA GLY A 121 10.12 7.92 7.06
C GLY A 121 9.68 7.14 5.84
N ALA A 122 8.45 6.65 5.92
CA ALA A 122 7.84 5.83 4.89
C ALA A 122 7.43 6.66 3.71
N PHE A 123 7.37 6.03 2.55
CA PHE A 123 6.76 6.61 1.36
C PHE A 123 5.25 6.74 1.49
N ASN A 124 4.70 7.82 0.94
CA ASN A 124 3.27 7.93 0.70
C ASN A 124 2.96 7.71 -0.76
N ILE A 125 1.70 7.38 -0.99
CA ILE A 125 1.03 7.40 -2.29
C ILE A 125 0.98 8.89 -2.72
N PRO A 126 1.29 9.18 -3.99
CA PRO A 126 1.34 10.61 -4.41
C PRO A 126 -0.03 11.29 -4.49
N LEU A 127 -1.07 10.48 -4.56
CA LEU A 127 -2.42 10.98 -4.41
C LEU A 127 -3.39 9.85 -4.06
N ASN A 128 -4.44 10.23 -3.34
CA ASN A 128 -5.39 9.27 -2.83
C ASN A 128 -6.46 8.84 -3.82
N SER A 129 -6.05 8.08 -4.83
CA SER A 129 -6.93 7.60 -5.89
C SER A 129 -6.49 6.20 -6.36
N PHE A 130 -7.30 5.55 -7.14
CA PHE A 130 -7.07 4.18 -7.60
C PHE A 130 -6.22 4.03 -8.85
N ILE A 131 -5.70 2.82 -9.05
CA ILE A 131 -4.94 2.43 -10.24
C ILE A 131 -5.81 2.08 -11.45
N THR A 132 -5.49 2.67 -12.58
CA THR A 132 -6.18 2.41 -13.86
C THR A 132 -5.29 1.69 -14.88
N SER A 133 -4.00 1.56 -14.60
CA SER A 133 -3.14 0.69 -15.37
C SER A 133 -1.91 0.39 -14.58
N ASP A 134 -1.68 -0.90 -14.32
CA ASP A 134 -0.61 -1.30 -13.42
C ASP A 134 0.69 -1.44 -14.12
N PHE A 135 1.75 -1.27 -13.34
CA PHE A 135 3.09 -1.69 -13.71
C PHE A 135 3.13 -3.09 -14.32
N GLY A 136 3.93 -3.24 -15.36
CA GLY A 136 4.28 -4.57 -15.85
C GLY A 136 3.51 -5.00 -17.08
N LYS A 137 2.43 -4.28 -17.38
CA LYS A 137 1.65 -4.43 -18.61
C LYS A 137 2.60 -4.43 -19.83
N ALA A 138 2.62 -5.51 -20.60
CA ALA A 138 3.63 -5.64 -21.66
C ALA A 138 3.05 -5.74 -23.08
N ARG A 139 3.89 -5.39 -24.05
CA ARG A 139 3.61 -5.62 -25.49
C ARG A 139 4.70 -6.58 -26.04
N THR A 140 4.24 -7.73 -26.53
CA THR A 140 5.08 -8.80 -27.03
C THR A 140 5.23 -8.70 -28.54
N PHE A 141 6.45 -8.91 -29.03
CA PHE A 141 6.68 -9.25 -30.43
C PHE A 141 7.64 -10.45 -30.42
N ASN A 142 7.12 -11.65 -30.69
CA ASN A 142 7.92 -12.87 -30.83
C ASN A 142 8.55 -13.31 -29.50
N GLU A 143 7.69 -13.52 -28.52
CA GLU A 143 8.06 -14.04 -27.19
C GLU A 143 9.20 -13.19 -26.59
N LYS A 144 9.39 -11.98 -27.14
CA LYS A 144 10.24 -10.94 -26.55
C LYS A 144 9.37 -9.78 -26.11
N VAL A 145 9.71 -9.19 -24.97
CA VAL A 145 9.03 -7.99 -24.48
C VAL A 145 9.49 -6.79 -25.30
N ALA A 146 8.61 -6.30 -26.17
CA ALA A 146 8.93 -5.13 -26.98
C ALA A 146 9.01 -3.90 -26.09
N SER A 147 7.94 -3.66 -25.35
CA SER A 147 7.90 -2.56 -24.38
C SER A 147 7.07 -2.99 -23.21
N TYR A 148 7.08 -2.16 -22.17
CA TYR A 148 6.28 -2.41 -20.98
C TYR A 148 5.96 -1.12 -20.26
N HIS A 149 4.94 -1.18 -19.42
CA HIS A 149 4.58 -0.05 -18.57
C HIS A 149 5.54 0.04 -17.37
N SER A 150 6.31 1.13 -17.33
CA SER A 150 7.43 1.23 -16.37
C SER A 150 7.04 1.90 -15.04
N GLY A 151 5.75 2.17 -14.86
CA GLY A 151 5.25 2.73 -13.61
C GLY A 151 3.80 2.31 -13.44
N THR A 152 3.06 3.04 -12.61
CA THR A 152 1.63 2.77 -12.37
C THR A 152 0.86 4.04 -12.57
N ASP A 153 -0.27 3.93 -13.26
CA ASP A 153 -1.12 5.11 -13.46
C ASP A 153 -2.30 5.13 -12.51
N PHE A 154 -2.49 6.31 -11.91
CA PHE A 154 -3.61 6.61 -11.04
C PHE A 154 -4.63 7.40 -11.86
N ARG A 155 -5.92 7.13 -11.67
CA ARG A 155 -6.96 8.04 -12.16
C ARG A 155 -6.68 9.44 -11.62
N ALA A 156 -6.70 10.41 -12.50
CA ALA A 156 -6.63 11.81 -12.12
C ALA A 156 -7.17 12.64 -13.27
N ALA A 157 -8.16 13.45 -12.95
CA ALA A 157 -8.60 14.48 -13.83
C ALA A 157 -7.46 15.51 -13.92
N THR A 158 -7.34 16.15 -15.09
CA THR A 158 -6.37 17.23 -15.25
C THR A 158 -6.52 18.26 -14.12
N GLY A 159 -5.40 18.62 -13.53
CA GLY A 159 -5.40 19.62 -12.46
C GLY A 159 -5.47 19.01 -11.08
N THR A 160 -5.43 17.67 -11.00
CA THR A 160 -5.47 17.01 -9.70
C THR A 160 -4.12 17.24 -9.02
N PRO A 161 -4.12 17.81 -7.80
CA PRO A 161 -2.90 18.11 -7.05
C PRO A 161 -2.10 16.86 -6.74
N ILE A 162 -0.79 16.97 -6.86
CA ILE A 162 0.07 15.82 -6.74
C ILE A 162 1.14 16.09 -5.68
N TYR A 163 1.31 15.13 -4.77
CA TYR A 163 2.19 15.34 -3.65
C TYR A 163 3.37 14.40 -3.70
N ALA A 164 4.48 14.90 -3.18
CA ALA A 164 5.71 14.15 -3.08
C ALA A 164 5.53 12.90 -2.21
N ALA A 165 5.89 11.76 -2.79
CA ALA A 165 5.81 10.48 -2.12
C ALA A 165 6.77 10.39 -0.92
N ASN A 166 7.89 11.11 -0.99
CA ASN A 166 8.82 11.17 0.12
C ASN A 166 9.75 12.38 -0.07
N SER A 167 10.52 12.69 0.96
CA SER A 167 11.44 13.80 0.92
C SER A 167 12.58 13.47 -0.01
N GLY A 168 13.25 14.51 -0.52
CA GLY A 168 14.39 14.34 -1.40
C GLY A 168 14.78 15.58 -2.17
N VAL A 169 15.50 15.39 -3.25
CA VAL A 169 16.00 16.50 -4.03
C VAL A 169 15.52 16.32 -5.45
N VAL A 170 14.89 17.37 -5.96
CA VAL A 170 14.30 17.36 -7.28
C VAL A 170 15.44 17.34 -8.26
N LYS A 171 15.40 16.42 -9.22
CA LYS A 171 16.46 16.27 -10.21
C LYS A 171 16.04 16.62 -11.65
N ILE A 172 14.75 16.52 -11.89
CA ILE A 172 14.17 16.82 -13.19
C ILE A 172 12.87 17.57 -12.93
N ALA A 173 12.58 18.54 -13.78
CA ALA A 173 11.40 19.36 -13.62
C ALA A 173 11.16 20.15 -14.91
N LYS A 174 10.73 19.45 -15.95
CA LYS A 174 10.59 20.06 -17.26
C LYS A 174 9.76 19.18 -18.16
N ASP A 175 9.29 19.70 -19.29
CA ASP A 175 8.61 18.88 -20.30
C ASP A 175 9.66 18.01 -21.03
N ARG A 176 9.42 16.71 -21.11
CA ARG A 176 10.26 15.75 -21.85
C ARG A 176 9.39 15.05 -22.88
N TYR A 177 10.01 14.39 -23.86
CA TYR A 177 9.30 13.97 -25.07
C TYR A 177 8.25 12.94 -24.78
N PHE A 178 8.68 11.83 -24.16
CA PHE A 178 7.77 10.77 -23.82
C PHE A 178 7.02 11.04 -22.52
N ALA A 179 7.73 11.49 -21.50
CA ALA A 179 7.12 11.61 -20.17
C ALA A 179 6.27 12.86 -19.99
N GLY A 180 6.41 13.81 -20.90
CA GLY A 180 5.69 15.07 -20.80
C GLY A 180 6.22 15.84 -19.62
N ASN A 181 5.41 16.67 -18.97
CA ASN A 181 5.87 17.41 -17.79
C ASN A 181 6.17 16.42 -16.70
N SER A 182 7.41 16.43 -16.24
CA SER A 182 7.87 15.39 -15.36
C SER A 182 8.70 15.93 -14.26
N VAL A 183 8.53 15.35 -13.07
CA VAL A 183 9.34 15.61 -11.91
C VAL A 183 9.95 14.30 -11.52
N VAL A 184 11.25 14.31 -11.26
CA VAL A 184 11.96 13.15 -10.74
C VAL A 184 12.66 13.63 -9.46
N ILE A 185 12.49 12.87 -8.39
CA ILE A 185 13.11 13.19 -7.09
C ILE A 185 14.09 12.14 -6.60
N ASP A 186 15.24 12.61 -6.15
CA ASP A 186 16.28 11.78 -5.55
C ASP A 186 15.94 11.64 -4.09
N HIS A 187 15.76 10.42 -3.62
CA HIS A 187 15.51 10.15 -2.22
C HIS A 187 16.75 9.69 -1.46
N GLY A 188 17.85 9.52 -2.18
CA GLY A 188 19.04 9.00 -1.60
C GLY A 188 19.15 7.56 -1.95
N PHE A 189 20.39 7.04 -1.89
CA PHE A 189 20.70 5.63 -2.12
C PHE A 189 20.23 5.15 -3.49
N GLY A 190 20.16 6.05 -4.44
CA GLY A 190 19.78 5.67 -5.78
C GLY A 190 18.33 5.30 -5.92
N ILE A 191 17.49 5.82 -5.04
CA ILE A 191 16.03 5.64 -5.13
C ILE A 191 15.35 6.89 -5.67
N TYR A 192 14.70 6.76 -6.83
CA TYR A 192 14.09 7.91 -7.49
C TYR A 192 12.63 7.66 -7.71
N SER A 193 11.80 8.66 -7.36
CA SER A 193 10.39 8.60 -7.68
C SER A 193 10.12 9.50 -8.81
N GLN A 194 9.07 9.18 -9.55
CA GLN A 194 8.80 9.78 -10.83
C GLN A 194 7.33 10.15 -10.93
N TYR A 195 7.05 11.28 -11.56
CA TYR A 195 5.69 11.82 -11.64
C TYR A 195 5.54 12.40 -13.02
N TYR A 196 4.80 11.73 -13.88
CA TYR A 196 4.76 12.07 -15.30
C TYR A 196 3.38 12.51 -15.81
N HIS A 197 3.39 13.12 -17.00
CA HIS A 197 2.22 13.61 -17.70
C HIS A 197 1.50 14.75 -16.98
N LEU A 198 2.23 15.50 -16.17
CA LEU A 198 1.62 16.59 -15.39
C LEU A 198 1.16 17.73 -16.32
N SER A 199 0.15 18.46 -15.86
CA SER A 199 -0.31 19.67 -16.52
C SER A 199 0.46 20.88 -15.99
N LYS A 200 1.16 20.74 -14.86
CA LYS A 200 1.87 21.88 -14.26
C LYS A 200 2.94 21.42 -13.25
N ILE A 201 4.12 22.06 -13.29
CA ILE A 201 5.23 21.72 -12.43
C ILE A 201 5.45 22.80 -11.36
N ASP A 202 5.50 22.43 -10.09
CA ASP A 202 5.53 23.41 -9.01
C ASP A 202 6.83 23.37 -8.26
N VAL A 203 7.88 22.86 -8.90
CA VAL A 203 9.18 22.69 -8.27
C VAL A 203 10.33 22.98 -9.25
N LYS A 204 11.51 23.21 -8.70
CA LYS A 204 12.68 23.58 -9.47
C LYS A 204 13.76 22.52 -9.29
N VAL A 205 14.51 22.25 -10.36
CA VAL A 205 15.66 21.38 -10.24
C VAL A 205 16.54 21.87 -9.09
N GLY A 206 17.03 20.96 -8.28
CA GLY A 206 17.88 21.31 -7.14
C GLY A 206 17.10 21.54 -5.84
N GLN A 207 15.82 21.85 -5.96
CA GLN A 207 15.01 22.18 -4.80
C GLN A 207 14.82 20.98 -3.90
N LYS A 208 14.98 21.22 -2.60
CA LYS A 208 14.68 20.22 -1.60
C LYS A 208 13.20 20.21 -1.42
N ILE A 209 12.64 19.03 -1.24
CA ILE A 209 11.20 18.86 -1.10
C ILE A 209 10.88 17.84 0.00
N LYS A 210 9.91 18.18 0.85
CA LYS A 210 9.48 17.31 1.95
C LYS A 210 8.36 16.39 1.50
N LYS A 211 8.35 15.18 2.04
CA LYS A 211 7.21 14.28 1.88
C LYS A 211 5.89 15.02 2.11
N GLY A 212 4.94 14.85 1.21
CA GLY A 212 3.63 15.46 1.34
C GLY A 212 3.56 16.76 0.56
N GLU A 213 4.70 17.39 0.33
CA GLU A 213 4.70 18.70 -0.28
C GLU A 213 4.22 18.63 -1.73
N LEU A 214 3.49 19.64 -2.16
CA LEU A 214 2.89 19.69 -3.51
C LEU A 214 4.00 19.76 -4.54
N ILE A 215 3.89 18.95 -5.60
CA ILE A 215 4.87 19.02 -6.68
C ILE A 215 4.36 19.50 -8.01
N GLY A 216 3.05 19.38 -8.22
CA GLY A 216 2.46 19.89 -9.45
C GLY A 216 1.04 19.41 -9.60
N LEU A 217 0.50 19.60 -10.78
CA LEU A 217 -0.85 19.19 -11.06
C LEU A 217 -0.86 18.10 -12.13
N SER A 218 -1.69 17.08 -11.93
CA SER A 218 -1.82 16.03 -12.90
C SER A 218 -2.23 16.62 -14.26
N GLY A 219 -2.03 15.84 -15.32
CA GLY A 219 -2.37 16.27 -16.68
C GLY A 219 -2.38 15.11 -17.65
N ALA A 220 -2.28 15.43 -18.94
CA ALA A 220 -2.26 14.43 -20.00
C ALA A 220 -1.04 14.59 -20.93
N SER A 221 -0.03 15.33 -20.48
CA SER A 221 1.14 15.62 -21.32
C SER A 221 1.92 14.35 -21.65
N GLY A 222 2.50 14.31 -22.84
CA GLY A 222 3.37 13.20 -23.25
C GLY A 222 2.67 11.97 -23.81
N ARG A 223 3.40 10.85 -23.86
CA ARG A 223 2.89 9.62 -24.42
C ARG A 223 1.91 9.01 -23.43
N VAL A 224 0.65 9.41 -23.56
CA VAL A 224 -0.48 8.82 -22.85
C VAL A 224 -1.74 8.99 -23.69
N SER A 225 -2.74 8.22 -23.32
CA SER A 225 -4.01 8.19 -24.04
C SER A 225 -5.02 9.12 -23.41
N GLY A 226 -4.67 9.74 -22.29
CA GLY A 226 -5.59 10.65 -21.63
C GLY A 226 -5.00 11.10 -20.31
N PRO A 227 -5.75 11.89 -19.56
CA PRO A 227 -5.23 12.39 -18.28
C PRO A 227 -5.12 11.31 -17.23
N ALA A 228 -3.95 11.24 -16.60
CA ALA A 228 -3.66 10.27 -15.56
C ALA A 228 -2.35 10.69 -14.88
N LEU A 229 -2.10 10.19 -13.68
CA LEU A 229 -0.81 10.41 -13.09
C LEU A 229 -0.01 9.14 -13.24
N HIS A 230 1.15 9.21 -13.87
CA HIS A 230 2.02 8.06 -13.99
C HIS A 230 3.01 8.18 -12.87
N PHE A 231 3.09 7.15 -12.02
CA PHE A 231 4.01 7.13 -10.87
C PHE A 231 4.97 5.98 -11.00
N GLY A 232 6.25 6.24 -10.95
CA GLY A 232 7.25 5.19 -11.07
C GLY A 232 8.33 5.33 -10.02
N ILE A 233 8.99 4.21 -9.73
CA ILE A 233 10.16 4.17 -8.87
C ILE A 233 11.30 3.53 -9.66
N LEU A 234 12.48 4.13 -9.57
CA LEU A 234 13.71 3.52 -10.03
C LEU A 234 14.62 3.24 -8.84
N ALA A 235 15.10 2.02 -8.74
CA ALA A 235 16.02 1.65 -7.66
C ALA A 235 16.87 0.43 -8.08
N GLY A 236 18.14 0.42 -7.67
CA GLY A 236 19.08 -0.57 -8.17
C GLY A 236 19.44 -0.32 -9.64
N GLY A 237 19.32 0.92 -10.05
CA GLY A 237 19.54 1.26 -11.45
C GLY A 237 18.41 0.84 -12.39
N LYS A 238 17.38 0.15 -11.87
CA LYS A 238 16.23 -0.32 -12.69
C LYS A 238 14.89 0.28 -12.23
N GLN A 239 14.00 0.52 -13.19
CA GLN A 239 12.58 0.77 -12.98
C GLN A 239 11.98 -0.45 -12.32
N VAL A 240 11.35 -0.28 -11.16
CA VAL A 240 10.72 -1.41 -10.45
C VAL A 240 9.26 -1.11 -10.07
N ASP A 241 8.51 -2.18 -9.82
CA ASP A 241 7.13 -2.13 -9.35
C ASP A 241 6.99 -1.14 -8.20
N PRO A 242 6.32 -0.01 -8.45
CA PRO A 242 6.24 1.10 -7.51
C PRO A 242 5.62 0.75 -6.16
N LEU A 243 4.46 0.09 -6.21
CA LEU A 243 3.71 -0.19 -5.01
C LEU A 243 4.34 -1.30 -4.21
N ASP A 244 4.87 -2.30 -4.91
CA ASP A 244 5.60 -3.37 -4.26
C ASP A 244 6.76 -2.77 -3.48
N PHE A 245 7.53 -1.89 -4.15
CA PHE A 245 8.72 -1.30 -3.57
C PHE A 245 8.37 -0.46 -2.33
N VAL A 246 7.37 0.40 -2.47
CA VAL A 246 6.88 1.22 -1.35
C VAL A 246 6.58 0.37 -0.12
N SER A 247 6.04 -0.80 -0.43
CA SER A 247 5.58 -1.71 0.59
C SER A 247 6.80 -2.33 1.29
N LYS A 248 7.80 -2.73 0.49
CA LYS A 248 9.04 -3.27 1.02
C LYS A 248 9.84 -2.19 1.75
N PHE A 249 9.88 -0.99 1.20
CA PHE A 249 10.61 0.10 1.83
C PHE A 249 10.04 0.47 3.20
N ASN A 250 8.72 0.67 3.27
CA ASN A 250 8.05 1.06 4.54
C ASN A 250 8.14 0.01 5.64
N ALA A 251 8.22 -1.27 5.26
CA ALA A 251 8.38 -2.35 6.24
C ALA A 251 9.67 -2.14 7.06
N ILE A 252 10.67 -1.54 6.43
CA ILE A 252 11.97 -1.30 7.08
C ILE A 252 12.03 0.10 7.74
N PHE A 253 11.43 1.11 7.10
CA PHE A 253 11.69 2.53 7.38
C PHE A 253 10.59 3.34 8.07
N GLN A 254 9.52 2.69 8.52
CA GLN A 254 8.54 3.41 9.34
C GLN A 254 9.12 3.86 10.70
N LEU A 255 8.56 4.97 11.20
CA LEU A 255 9.12 5.81 12.30
C LEU A 255 10.34 6.62 11.83
N MET B 1 -27.31 12.74 5.28
CA MET B 1 -27.32 11.27 5.57
C MET B 1 -27.13 11.03 7.06
N GLU B 2 -27.29 9.77 7.47
CA GLU B 2 -27.06 9.35 8.85
C GLU B 2 -26.21 8.10 8.89
N LEU B 3 -25.42 7.94 9.94
CA LEU B 3 -24.64 6.72 10.13
C LEU B 3 -24.46 6.41 11.61
N ILE B 4 -24.56 5.13 11.95
CA ILE B 4 -24.30 4.69 13.31
C ILE B 4 -22.81 4.66 13.56
N LYS B 5 -22.38 5.17 14.70
CA LYS B 5 -20.97 5.05 15.11
C LYS B 5 -20.49 3.59 15.09
N GLY B 6 -19.23 3.38 14.76
CA GLY B 6 -18.72 2.03 14.50
C GLY B 6 -19.23 1.38 13.20
N GLN B 7 -19.85 2.17 12.30
CA GLN B 7 -20.21 1.69 10.96
C GLN B 7 -19.51 2.41 9.83
N ALA B 8 -19.47 1.71 8.69
CA ALA B 8 -18.93 2.21 7.44
C ALA B 8 -20.06 2.51 6.51
N LEU B 9 -19.83 3.43 5.58
CA LEU B 9 -20.83 3.84 4.58
C LEU B 9 -20.15 4.04 3.22
N PHE B 10 -20.73 3.49 2.17
CA PHE B 10 -20.16 3.70 0.85
C PHE B 10 -20.74 4.96 0.20
N LEU B 11 -19.90 5.97 -0.03
CA LEU B 11 -20.29 7.20 -0.75
C LEU B 11 -20.09 7.07 -2.24
N GLU B 12 -21.03 7.60 -3.02
CA GLU B 12 -20.93 7.52 -4.45
C GLU B 12 -20.88 8.92 -5.02
N LEU B 13 -19.94 9.16 -5.95
CA LEU B 13 -19.72 10.50 -6.51
C LEU B 13 -19.43 10.44 -7.99
N ASP B 14 -19.71 11.56 -8.70
CA ASP B 14 -19.42 11.66 -10.14
C ASP B 14 -17.94 11.59 -10.40
N LYS B 15 -17.57 10.82 -11.42
CA LYS B 15 -16.18 10.60 -11.72
C LYS B 15 -15.54 11.86 -12.30
N LYS B 16 -16.21 12.49 -13.27
CA LYS B 16 -15.55 13.51 -14.09
C LYS B 16 -15.48 14.85 -13.39
N ASP B 17 -14.39 15.57 -13.67
CA ASP B 17 -14.05 16.86 -13.05
C ASP B 17 -13.82 16.76 -11.55
N PHE B 18 -13.74 15.53 -11.04
CA PHE B 18 -13.59 15.31 -9.60
C PHE B 18 -12.12 15.47 -9.27
N LEU B 19 -11.84 16.26 -8.24
CA LEU B 19 -10.46 16.46 -7.83
C LEU B 19 -10.16 15.81 -6.47
N SER B 20 -11.01 16.04 -5.48
CA SER B 20 -10.67 15.59 -4.13
C SER B 20 -11.91 15.51 -3.25
N LEU B 21 -11.82 14.67 -2.22
CA LEU B 21 -12.85 14.53 -1.23
C LEU B 21 -12.20 14.72 0.13
N LYS B 22 -12.76 15.60 0.95
CA LYS B 22 -12.09 16.02 2.17
C LYS B 22 -12.99 16.04 3.39
N ASN B 23 -12.39 15.73 4.54
CA ASN B 23 -12.99 15.94 5.86
C ASN B 23 -11.99 16.73 6.67
N ASN B 24 -12.30 17.99 6.94
CA ASN B 24 -11.33 18.89 7.55
C ASN B 24 -10.06 18.86 6.72
N ASP B 25 -8.93 18.55 7.37
CA ASP B 25 -7.65 18.52 6.69
C ASP B 25 -7.58 17.30 5.78
N LYS B 26 -7.96 16.15 6.35
CA LYS B 26 -7.72 14.82 5.77
C LYS B 26 -8.42 14.53 4.42
N ASN B 27 -7.62 14.14 3.42
CA ASN B 27 -8.12 13.56 2.16
C ASN B 27 -8.72 12.20 2.39
N ILE B 28 -9.86 11.92 1.75
CA ILE B 28 -10.43 10.60 1.76
C ILE B 28 -10.18 9.99 0.38
N PRO B 29 -9.54 8.82 0.31
CA PRO B 29 -9.34 8.20 -1.00
C PRO B 29 -10.62 7.78 -1.71
N THR B 30 -10.53 7.68 -3.03
CA THR B 30 -11.63 7.21 -3.85
C THR B 30 -11.17 6.05 -4.71
N PHE B 31 -12.14 5.24 -5.14
CA PHE B 31 -11.88 4.18 -6.09
C PHE B 31 -13.03 4.09 -7.08
N ALA B 32 -12.83 3.36 -8.17
CA ALA B 32 -13.81 3.27 -9.21
C ALA B 32 -15.05 2.58 -8.68
N HIS B 33 -16.22 3.02 -9.14
CA HIS B 33 -17.45 2.25 -8.99
C HIS B 33 -17.35 1.08 -9.97
N PRO B 34 -17.63 -0.15 -9.52
CA PRO B 34 -17.42 -1.31 -10.40
C PRO B 34 -18.42 -1.46 -11.57
N LYS B 35 -19.57 -0.82 -11.46
CA LYS B 35 -20.64 -1.05 -12.40
C LYS B 35 -21.05 0.21 -13.18
N ASN B 36 -20.45 1.35 -12.86
CA ASN B 36 -20.78 2.58 -13.55
C ASN B 36 -19.55 3.43 -13.79
N GLN B 37 -19.15 3.48 -15.06
CA GLN B 37 -17.93 4.19 -15.43
C GLN B 37 -17.97 5.67 -15.08
N GLU B 38 -19.14 6.26 -14.89
CA GLU B 38 -19.20 7.68 -14.49
C GLU B 38 -19.21 7.92 -12.96
N LYS B 39 -19.00 6.88 -12.18
CA LYS B 39 -19.03 7.02 -10.74
C LYS B 39 -17.75 6.60 -10.11
N ILE B 40 -17.48 7.23 -8.97
CA ILE B 40 -16.44 6.75 -8.05
C ILE B 40 -17.04 6.51 -6.67
N LEU B 41 -16.40 5.66 -5.91
CA LEU B 41 -16.84 5.40 -4.54
C LEU B 41 -15.81 5.92 -3.52
N ALA B 42 -16.27 6.18 -2.31
CA ALA B 42 -15.38 6.38 -1.19
C ALA B 42 -16.04 5.74 0.00
N ILE B 43 -15.23 5.30 0.96
CA ILE B 43 -15.76 4.79 2.21
C ILE B 43 -15.55 5.79 3.34
N PHE B 44 -16.59 6.03 4.10
CA PHE B 44 -16.50 6.87 5.25
C PHE B 44 -16.97 6.08 6.48
N SER B 45 -16.13 6.07 7.53
CA SER B 45 -16.40 5.33 8.74
C SER B 45 -16.38 6.23 9.95
N LEU B 46 -17.28 5.95 10.88
CA LEU B 46 -17.25 6.62 12.19
C LEU B 46 -16.53 5.75 13.24
N PRO B 47 -15.69 6.37 14.07
CA PRO B 47 -15.17 5.63 15.20
C PRO B 47 -16.29 5.31 16.16
N TYR B 48 -16.10 4.25 16.92
CA TYR B 48 -17.03 3.88 17.96
C TYR B 48 -16.81 4.77 19.18
N LYS B 49 -15.56 4.92 19.57
CA LYS B 49 -15.20 5.81 20.67
C LYS B 49 -15.16 7.25 20.19
N ASN B 50 -15.81 8.15 20.93
CA ASN B 50 -15.68 9.59 20.69
C ASN B 50 -16.01 10.08 19.28
N PRO B 51 -17.10 9.60 18.70
CA PRO B 51 -17.36 10.19 17.41
C PRO B 51 -17.68 11.66 17.57
N PRO B 52 -17.68 12.44 16.48
CA PRO B 52 -18.27 13.77 16.52
C PRO B 52 -19.77 13.69 16.26
N GLN B 53 -20.50 14.72 16.63
CA GLN B 53 -21.96 14.72 16.48
C GLN B 53 -22.36 14.64 15.02
N ASN B 54 -21.61 15.38 14.20
CA ASN B 54 -21.93 15.59 12.77
C ASN B 54 -20.65 15.67 11.95
N THR B 55 -20.77 15.36 10.67
CA THR B 55 -19.63 15.39 9.75
C THR B 55 -20.02 16.17 8.49
N LYS B 56 -19.20 17.14 8.12
CA LYS B 56 -19.36 17.89 6.86
C LYS B 56 -18.18 17.56 5.93
N LEU B 57 -18.45 16.79 4.88
CA LEU B 57 -17.43 16.46 3.89
C LEU B 57 -17.58 17.36 2.70
N ILE B 58 -16.45 17.70 2.09
CA ILE B 58 -16.46 18.48 0.87
C ILE B 58 -15.78 17.76 -0.30
N ALA B 59 -16.51 17.62 -1.40
CA ALA B 59 -15.99 17.07 -2.64
C ALA B 59 -15.70 18.18 -3.63
N PHE B 60 -14.42 18.41 -3.89
CA PHE B 60 -13.98 19.49 -4.75
C PHE B 60 -13.91 19.04 -6.18
N TYR B 61 -14.63 19.77 -7.04
CA TYR B 61 -14.63 19.54 -8.47
C TYR B 61 -14.03 20.79 -9.10
N LYS B 62 -13.62 20.69 -10.37
CA LYS B 62 -12.97 21.79 -11.08
C LYS B 62 -13.69 23.15 -10.97
N ASP B 63 -15.01 23.11 -11.07
CA ASP B 63 -15.85 24.33 -11.10
C ASP B 63 -17.03 24.28 -10.11
N LYS B 64 -17.02 23.29 -9.20
CA LYS B 64 -18.03 23.14 -8.14
C LYS B 64 -17.38 22.54 -6.89
N LYS B 65 -18.10 22.69 -5.80
CA LYS B 65 -17.65 22.36 -4.48
C LYS B 65 -18.84 21.84 -3.69
N GLU B 66 -19.23 20.58 -3.94
CA GLU B 66 -20.35 19.92 -3.25
C GLU B 66 -20.06 19.54 -1.79
N GLU B 67 -21.04 19.79 -0.93
CA GLU B 67 -20.96 19.45 0.49
C GLU B 67 -21.80 18.21 0.80
N ILE B 68 -21.43 17.52 1.85
CA ILE B 68 -22.10 16.28 2.22
C ILE B 68 -22.20 16.23 3.73
N PHE B 69 -23.43 16.13 4.22
CA PHE B 69 -23.67 16.12 5.63
C PHE B 69 -23.97 14.69 6.07
N ILE B 70 -23.31 14.25 7.15
CA ILE B 70 -23.58 12.93 7.76
C ILE B 70 -23.72 13.13 9.26
N LYS B 71 -24.87 12.74 9.79
CA LYS B 71 -25.16 12.81 11.22
C LYS B 71 -24.84 11.48 11.89
N THR B 72 -24.20 11.54 13.06
CA THR B 72 -23.84 10.35 13.85
C THR B 72 -24.99 9.81 14.68
N LEU B 73 -25.42 8.58 14.42
CA LEU B 73 -26.38 7.93 15.28
C LEU B 73 -25.66 7.12 16.36
N GLU B 74 -26.39 6.79 17.41
CA GLU B 74 -25.84 6.05 18.54
C GLU B 74 -25.91 4.54 18.34
N GLY B 75 -26.98 4.08 17.69
CA GLY B 75 -27.29 2.66 17.57
C GLY B 75 -27.77 2.08 18.89
N ASN B 76 -28.19 0.82 18.87
CA ASN B 76 -28.63 0.13 20.09
C ASN B 76 -27.59 -0.90 20.48
N TYR B 77 -26.39 -0.43 20.79
CA TYR B 77 -25.31 -1.31 21.18
C TYR B 77 -25.49 -1.77 22.62
N LYS B 78 -25.04 -2.98 22.91
CA LYS B 78 -25.07 -3.56 24.27
C LYS B 78 -24.06 -2.87 25.19
N SER B 79 -24.49 -2.54 26.40
CA SER B 79 -23.75 -1.63 27.25
C SER B 79 -23.82 -2.04 28.71
N GLU B 80 -22.66 -2.11 29.34
CA GLU B 80 -22.52 -2.51 30.74
C GLU B 80 -21.66 -1.45 31.43
N LYS B 81 -22.25 -0.68 32.34
CA LYS B 81 -21.47 0.32 33.07
C LYS B 81 -20.53 -0.38 34.04
N LEU B 82 -19.36 0.24 34.21
CA LEU B 82 -18.26 -0.28 35.03
C LEU B 82 -18.00 0.69 36.16
N GLN B 83 -17.56 0.14 37.29
CA GLN B 83 -16.99 0.95 38.36
C GLN B 83 -15.63 0.34 38.76
N VAL B 84 -14.95 -0.25 37.76
CA VAL B 84 -13.51 -0.54 37.79
C VAL B 84 -12.71 0.42 36.88
N GLU B 85 -12.31 1.56 37.44
CA GLU B 85 -11.60 2.60 36.68
C GLU B 85 -10.11 2.30 36.46
N ASN B 86 -9.69 2.26 35.21
CA ASN B 86 -8.28 2.00 34.91
C ASN B 86 -7.80 2.76 33.67
N LYS B 87 -7.06 3.84 33.88
CA LYS B 87 -6.50 4.60 32.76
C LYS B 87 -5.47 3.72 32.03
N LYS B 88 -4.63 3.02 32.79
CA LYS B 88 -3.57 2.20 32.21
C LYS B 88 -3.36 0.85 32.94
N ILE B 89 -2.89 0.91 34.19
CA ILE B 89 -2.59 -0.28 35.02
C ILE B 89 -1.67 -1.28 34.28
N PHE B 90 -0.61 -0.74 33.71
CA PHE B 90 0.31 -1.51 32.85
C PHE B 90 1.15 -2.60 33.55
N PRO B 91 1.42 -3.68 32.81
CA PRO B 91 2.20 -4.92 33.07
C PRO B 91 3.73 -4.67 33.01
N PRO B 92 4.56 -5.73 33.13
CA PRO B 92 6.03 -5.51 33.10
C PRO B 92 6.51 -4.71 31.88
N LYS B 93 7.74 -4.19 31.95
CA LYS B 93 8.25 -3.23 30.94
C LYS B 93 8.55 -3.80 29.57
N THR B 94 9.16 -4.99 29.52
CA THR B 94 9.35 -5.67 28.23
C THR B 94 8.02 -6.16 27.66
N ILE B 95 7.00 -6.33 28.49
CA ILE B 95 5.66 -6.68 28.03
C ILE B 95 4.96 -5.44 27.46
N GLN B 96 5.20 -4.30 28.07
CA GLN B 96 4.71 -3.03 27.55
C GLN B 96 5.40 -2.69 26.25
N GLU B 97 6.69 -3.02 26.16
CA GLU B 97 7.44 -2.81 24.92
C GLU B 97 6.87 -3.64 23.77
N ARG B 98 6.45 -4.86 24.08
CA ARG B 98 5.79 -5.73 23.11
C ARG B 98 4.50 -5.09 22.71
N ILE B 99 3.70 -4.73 23.70
CA ILE B 99 2.40 -4.15 23.39
C ILE B 99 2.58 -2.93 22.50
N ALA B 100 3.57 -2.09 22.81
CA ALA B 100 3.80 -0.85 22.07
C ALA B 100 4.22 -1.10 20.63
N LYS B 101 5.12 -2.04 20.46
CA LYS B 101 5.67 -2.36 19.17
C LYS B 101 4.58 -2.94 18.29
N GLU B 102 3.83 -3.92 18.81
CA GLU B 102 2.78 -4.58 18.01
C GLU B 102 1.67 -3.60 17.55
N LEU B 103 1.38 -2.66 18.45
CA LEU B 103 0.40 -1.62 18.22
C LEU B 103 0.86 -0.67 17.13
N LYS B 104 2.15 -0.39 17.08
CA LYS B 104 2.67 0.52 16.10
C LYS B 104 2.78 -0.15 14.77
N GLU B 105 3.16 -1.41 14.77
CA GLU B 105 3.18 -2.20 13.54
C GLU B 105 1.79 -2.22 12.94
N ALA B 106 0.79 -2.48 13.79
CA ALA B 106 -0.60 -2.61 13.33
C ALA B 106 -1.13 -1.31 12.74
N ASN B 107 -0.87 -0.19 13.41
CA ASN B 107 -1.25 1.10 12.91
C ASN B 107 -0.54 1.52 11.59
N ALA B 108 0.71 1.13 11.43
CA ALA B 108 1.42 1.36 10.20
C ALA B 108 0.69 0.69 9.03
N ILE B 109 0.21 -0.51 9.27
CA ILE B 109 -0.53 -1.24 8.25
C ILE B 109 -1.91 -0.58 8.05
N TYR B 110 -2.63 -0.33 9.14
CA TYR B 110 -4.00 0.18 9.04
C TYR B 110 -4.05 1.59 8.44
N SER B 111 -3.02 2.38 8.68
CA SER B 111 -2.95 3.74 8.12
C SER B 111 -2.86 3.65 6.60
N SER B 112 -2.18 2.61 6.16
CA SER B 112 -1.80 2.44 4.77
C SER B 112 -2.99 2.17 3.81
N TYR B 113 -2.82 2.54 2.55
CA TYR B 113 -3.86 2.47 1.53
C TYR B 113 -3.29 1.96 0.20
N THR B 114 -3.55 0.69 -0.10
CA THR B 114 -3.21 0.09 -1.38
C THR B 114 -4.25 0.62 -2.37
N PRO B 115 -3.80 1.34 -3.41
CA PRO B 115 -4.77 1.96 -4.31
C PRO B 115 -5.30 1.05 -5.43
N LYS B 116 -5.32 -0.25 -5.21
CA LYS B 116 -6.02 -1.13 -6.15
C LYS B 116 -6.82 -2.19 -5.35
N ALA B 117 -7.76 -2.84 -6.02
CA ALA B 117 -8.57 -3.89 -5.42
C ALA B 117 -7.81 -5.20 -5.45
N LEU B 118 -7.59 -5.77 -4.27
CA LEU B 118 -6.98 -7.09 -4.15
C LEU B 118 -8.03 -8.17 -3.91
N PHE B 119 -9.26 -7.75 -3.61
CA PHE B 119 -10.37 -8.67 -3.40
C PHE B 119 -10.89 -9.19 -4.72
N ASN B 120 -11.79 -10.14 -4.62
CA ASN B 120 -12.36 -10.74 -5.78
C ASN B 120 -13.80 -11.06 -5.47
N GLY B 121 -14.70 -10.18 -5.89
CA GLY B 121 -16.12 -10.35 -5.68
C GLY B 121 -16.50 -9.98 -4.27
N ALA B 122 -17.59 -10.60 -3.81
CA ALA B 122 -18.16 -10.37 -2.49
C ALA B 122 -17.34 -11.04 -1.42
N PHE B 123 -17.40 -10.49 -0.22
CA PHE B 123 -16.85 -11.14 0.96
C PHE B 123 -17.68 -12.35 1.36
N ASN B 124 -16.97 -13.37 1.85
CA ASN B 124 -17.58 -14.48 2.53
C ASN B 124 -17.37 -14.37 4.02
N ILE B 125 -18.23 -15.08 4.74
CA ILE B 125 -18.08 -15.37 6.16
C ILE B 125 -16.87 -16.31 6.31
N PRO B 126 -16.01 -16.08 7.30
CA PRO B 126 -14.79 -16.89 7.41
C PRO B 126 -15.04 -18.33 7.83
N LEU B 127 -16.21 -18.58 8.41
CA LEU B 127 -16.65 -19.94 8.64
C LEU B 127 -18.17 -19.99 8.87
N ASN B 128 -18.75 -21.13 8.50
CA ASN B 128 -20.20 -21.27 8.56
C ASN B 128 -20.72 -21.67 9.94
N SER B 129 -20.68 -20.71 10.85
CA SER B 129 -21.12 -20.89 12.23
C SER B 129 -21.76 -19.59 12.75
N PHE B 130 -22.40 -19.67 13.88
CA PHE B 130 -23.11 -18.54 14.49
C PHE B 130 -22.27 -17.59 15.36
N ILE B 131 -22.81 -16.39 15.58
CA ILE B 131 -22.23 -15.38 16.45
C ILE B 131 -22.55 -15.60 17.92
N THR B 132 -21.50 -15.57 18.74
CA THR B 132 -21.64 -15.73 20.19
C THR B 132 -21.33 -14.44 20.96
N SER B 133 -20.80 -13.43 20.26
CA SER B 133 -20.70 -12.10 20.83
C SER B 133 -20.53 -11.11 19.72
N ASP B 134 -21.46 -10.17 19.61
CA ASP B 134 -21.45 -9.27 18.46
C ASP B 134 -20.64 -8.00 18.71
N PHE B 135 -20.17 -7.45 17.60
CA PHE B 135 -19.58 -6.13 17.56
C PHE B 135 -20.36 -5.07 18.35
N GLY B 136 -19.64 -4.22 19.06
CA GLY B 136 -20.22 -3.02 19.67
C GLY B 136 -20.50 -3.12 21.15
N LYS B 137 -20.50 -4.35 21.67
CA LYS B 137 -20.57 -4.63 23.11
C LYS B 137 -19.58 -3.74 23.87
N ALA B 138 -20.08 -2.88 24.77
CA ALA B 138 -19.21 -1.87 25.42
C ALA B 138 -19.07 -2.01 26.94
N ARG B 139 -17.98 -1.45 27.46
CA ARG B 139 -17.80 -1.28 28.90
C ARG B 139 -17.61 0.22 29.21
N THR B 140 -18.58 0.78 29.94
CA THR B 140 -18.68 2.24 30.15
C THR B 140 -18.32 2.67 31.58
N PHE B 141 -17.29 3.49 31.75
CA PHE B 141 -16.94 4.08 33.07
C PHE B 141 -17.29 5.55 32.99
N ASN B 142 -18.00 6.06 34.00
CA ASN B 142 -18.77 7.29 33.87
C ASN B 142 -19.68 7.16 32.63
N GLU B 143 -19.73 8.18 31.78
CA GLU B 143 -20.35 8.03 30.45
C GLU B 143 -19.42 7.52 29.34
N LYS B 144 -18.12 7.45 29.61
CA LYS B 144 -17.16 7.23 28.53
C LYS B 144 -17.08 5.74 28.22
N VAL B 145 -16.96 5.43 26.94
CA VAL B 145 -16.69 4.07 26.50
C VAL B 145 -15.24 3.75 26.83
N ALA B 146 -15.04 2.92 27.86
CA ALA B 146 -13.68 2.50 28.25
C ALA B 146 -13.10 1.60 27.18
N SER B 147 -13.85 0.54 26.84
CA SER B 147 -13.47 -0.35 25.77
C SER B 147 -14.73 -0.84 25.07
N TYR B 148 -14.52 -1.51 23.94
CA TYR B 148 -15.61 -2.12 23.21
C TYR B 148 -15.13 -3.30 22.43
N HIS B 149 -16.07 -4.14 22.02
CA HIS B 149 -15.77 -5.29 21.18
C HIS B 149 -15.59 -4.81 19.75
N SER B 150 -14.36 -4.94 19.24
CA SER B 150 -13.98 -4.36 17.95
C SER B 150 -14.17 -5.31 16.75
N GLY B 151 -14.79 -6.47 16.99
CA GLY B 151 -15.07 -7.41 15.92
C GLY B 151 -16.28 -8.22 16.34
N THR B 152 -16.46 -9.38 15.71
CA THR B 152 -17.58 -10.26 16.01
C THR B 152 -17.00 -11.68 16.23
N ASP B 153 -17.43 -12.36 17.30
CA ASP B 153 -16.94 -13.71 17.56
C ASP B 153 -17.92 -14.76 17.11
N PHE B 154 -17.39 -15.76 16.41
CA PHE B 154 -18.12 -16.93 15.94
C PHE B 154 -17.83 -18.09 16.88
N ARG B 155 -18.83 -18.93 17.21
CA ARG B 155 -18.54 -20.20 17.86
C ARG B 155 -17.53 -20.96 17.03
N ALA B 156 -16.50 -21.46 17.69
CA ALA B 156 -15.55 -22.37 17.07
C ALA B 156 -14.82 -23.13 18.15
N ALA B 157 -14.92 -24.45 18.06
CA ALA B 157 -14.10 -25.34 18.87
C ALA B 157 -12.66 -25.19 18.36
N THR B 158 -11.70 -25.35 19.26
CA THR B 158 -10.30 -25.30 18.88
C THR B 158 -10.06 -26.24 17.70
N GLY B 159 -9.39 -25.72 16.67
CA GLY B 159 -9.02 -26.51 15.51
C GLY B 159 -10.00 -26.37 14.37
N THR B 160 -11.00 -25.48 14.53
CA THR B 160 -12.00 -25.30 13.48
C THR B 160 -11.31 -24.56 12.35
N PRO B 161 -11.35 -25.12 11.11
CA PRO B 161 -10.72 -24.51 9.92
C PRO B 161 -11.29 -23.17 9.58
N ILE B 162 -10.43 -22.24 9.22
CA ILE B 162 -10.83 -20.85 9.00
C ILE B 162 -10.43 -20.40 7.61
N TYR B 163 -11.37 -19.81 6.89
CA TYR B 163 -11.13 -19.43 5.51
C TYR B 163 -11.16 -17.93 5.31
N ALA B 164 -10.33 -17.50 4.37
CA ALA B 164 -10.21 -16.10 4.00
C ALA B 164 -11.55 -15.55 3.50
N ALA B 165 -11.98 -14.46 4.13
CA ALA B 165 -13.22 -13.81 3.78
C ALA B 165 -13.20 -13.24 2.34
N ASN B 166 -12.00 -12.87 1.88
CA ASN B 166 -11.85 -12.37 0.51
C ASN B 166 -10.39 -12.44 0.12
N SER B 167 -10.10 -12.20 -1.16
CA SER B 167 -8.74 -12.22 -1.64
C SER B 167 -8.02 -11.00 -1.15
N GLY B 168 -6.69 -11.10 -1.11
CA GLY B 168 -5.83 -10.00 -0.64
C GLY B 168 -4.39 -10.39 -0.34
N VAL B 169 -3.73 -9.58 0.46
CA VAL B 169 -2.33 -9.80 0.80
C VAL B 169 -2.21 -9.83 2.31
N VAL B 170 -1.62 -10.91 2.80
CA VAL B 170 -1.45 -11.14 4.22
C VAL B 170 -0.43 -10.15 4.72
N LYS B 171 -0.78 -9.44 5.79
CA LYS B 171 0.04 -8.38 6.35
C LYS B 171 0.58 -8.69 7.75
N ILE B 172 -0.12 -9.57 8.45
CA ILE B 172 0.28 -10.00 9.78
C ILE B 172 0.02 -11.47 9.82
N ALA B 173 0.87 -12.20 10.52
CA ALA B 173 0.75 -13.64 10.63
C ALA B 173 1.68 -14.12 11.74
N LYS B 174 1.31 -13.83 12.97
CA LYS B 174 2.17 -14.14 14.10
C LYS B 174 1.38 -14.05 15.40
N ASP B 175 1.92 -14.60 16.47
CA ASP B 175 1.32 -14.46 17.78
C ASP B 175 1.54 -13.03 18.28
N ARG B 176 0.49 -12.37 18.72
CA ARG B 176 0.54 -11.02 19.24
C ARG B 176 -0.06 -11.07 20.62
N TYR B 177 0.19 -10.04 21.43
CA TYR B 177 -0.04 -10.14 22.86
C TYR B 177 -1.52 -10.28 23.17
N PHE B 178 -2.31 -9.35 22.70
CA PHE B 178 -3.72 -9.38 22.95
C PHE B 178 -4.46 -10.29 21.96
N ALA B 179 -4.15 -10.17 20.67
CA ALA B 179 -4.93 -10.88 19.64
C ALA B 179 -4.55 -12.35 19.51
N GLY B 180 -3.43 -12.72 20.10
CA GLY B 180 -2.97 -14.10 20.02
C GLY B 180 -2.57 -14.35 18.59
N ASN B 181 -2.69 -15.60 18.14
CA ASN B 181 -2.30 -15.91 16.78
C ASN B 181 -3.25 -15.20 15.91
N SER B 182 -2.71 -14.35 15.05
CA SER B 182 -3.53 -13.47 14.28
C SER B 182 -3.05 -13.35 12.86
N VAL B 183 -4.03 -13.28 11.96
CA VAL B 183 -3.82 -13.03 10.57
C VAL B 183 -4.60 -11.75 10.25
N VAL B 184 -3.95 -10.82 9.54
CA VAL B 184 -4.60 -9.63 9.02
C VAL B 184 -4.34 -9.63 7.51
N ILE B 185 -5.40 -9.42 6.72
CA ILE B 185 -5.30 -9.36 5.26
C ILE B 185 -5.70 -8.03 4.65
N ASP B 186 -4.87 -7.55 3.72
CA ASP B 186 -5.10 -6.34 2.98
C ASP B 186 -5.93 -6.74 1.78
N HIS B 187 -7.12 -6.14 1.64
CA HIS B 187 -7.99 -6.35 0.48
C HIS B 187 -7.91 -5.24 -0.56
N GLY B 188 -7.13 -4.21 -0.25
CA GLY B 188 -7.04 -3.06 -1.11
C GLY B 188 -7.93 -1.99 -0.57
N PHE B 189 -7.65 -0.76 -0.99
CA PHE B 189 -8.43 0.41 -0.63
C PHE B 189 -8.57 0.59 0.89
N GLY B 190 -7.59 0.13 1.63
CA GLY B 190 -7.58 0.28 3.08
C GLY B 190 -8.62 -0.54 3.79
N ILE B 191 -9.03 -1.65 3.17
CA ILE B 191 -9.94 -2.59 3.80
C ILE B 191 -9.19 -3.82 4.33
N TYR B 192 -9.24 -4.03 5.64
CA TYR B 192 -8.50 -5.15 6.27
C TYR B 192 -9.44 -6.05 7.02
N SER B 193 -9.30 -7.36 6.78
CA SER B 193 -10.00 -8.32 7.59
C SER B 193 -9.04 -8.92 8.59
N GLN B 194 -9.59 -9.38 9.70
CA GLN B 194 -8.80 -9.78 10.86
C GLN B 194 -9.31 -11.10 11.38
N TYR B 195 -8.41 -11.98 11.81
CA TYR B 195 -8.78 -13.33 12.28
C TYR B 195 -7.92 -13.64 13.48
N TYR B 196 -8.52 -13.63 14.66
CA TYR B 196 -7.75 -13.67 15.91
C TYR B 196 -8.00 -14.93 16.76
N HIS B 197 -7.12 -15.11 17.75
CA HIS B 197 -7.17 -16.18 18.72
C HIS B 197 -7.01 -17.57 18.10
N LEU B 198 -6.29 -17.64 17.01
CA LEU B 198 -6.14 -18.91 16.29
C LEU B 198 -5.22 -19.85 17.06
N SER B 199 -5.45 -21.14 16.85
CA SER B 199 -4.59 -22.16 17.41
C SER B 199 -3.45 -22.46 16.43
N LYS B 200 -3.58 -22.03 15.18
CA LYS B 200 -2.56 -22.34 14.16
C LYS B 200 -2.65 -21.42 12.95
N ILE B 201 -1.50 -20.96 12.44
CA ILE B 201 -1.46 -20.02 11.31
C ILE B 201 -0.96 -20.74 10.06
N ASP B 202 -1.69 -20.63 8.96
CA ASP B 202 -1.36 -21.39 7.75
C ASP B 202 -0.93 -20.47 6.61
N VAL B 203 -0.46 -19.26 6.93
CA VAL B 203 -0.06 -18.28 5.92
C VAL B 203 1.16 -17.46 6.37
N LYS B 204 1.80 -16.82 5.41
CA LYS B 204 3.04 -16.07 5.64
C LYS B 204 2.81 -14.60 5.28
N VAL B 205 3.45 -13.70 6.00
CA VAL B 205 3.38 -12.30 5.65
C VAL B 205 3.80 -12.19 4.19
N GLY B 206 3.12 -11.32 3.44
CA GLY B 206 3.42 -11.11 2.02
C GLY B 206 2.69 -12.03 1.08
N GLN B 207 2.26 -13.18 1.58
CA GLN B 207 1.58 -14.18 0.77
C GLN B 207 0.26 -13.67 0.25
N LYS B 208 0.04 -13.90 -1.04
CA LYS B 208 -1.18 -13.53 -1.73
C LYS B 208 -2.17 -14.68 -1.52
N ILE B 209 -3.40 -14.37 -1.10
CA ILE B 209 -4.37 -15.37 -0.65
C ILE B 209 -5.72 -15.13 -1.34
N LYS B 210 -6.34 -16.18 -1.84
CA LYS B 210 -7.63 -16.11 -2.54
C LYS B 210 -8.76 -16.27 -1.56
N LYS B 211 -9.86 -15.58 -1.82
CA LYS B 211 -11.11 -15.82 -1.11
C LYS B 211 -11.40 -17.30 -1.00
N GLY B 212 -11.70 -17.77 0.20
CA GLY B 212 -12.03 -19.17 0.43
C GLY B 212 -10.83 -19.94 0.91
N GLU B 213 -9.65 -19.48 0.60
CA GLU B 213 -8.44 -20.23 0.91
C GLU B 213 -8.22 -20.31 2.41
N LEU B 214 -7.74 -21.47 2.88
CA LEU B 214 -7.57 -21.72 4.32
C LEU B 214 -6.53 -20.78 4.87
N ILE B 215 -6.80 -20.19 6.02
CA ILE B 215 -5.79 -19.35 6.66
C ILE B 215 -5.23 -19.89 7.97
N GLY B 216 -5.97 -20.76 8.65
CA GLY B 216 -5.50 -21.30 9.90
C GLY B 216 -6.61 -21.99 10.64
N LEU B 217 -6.35 -22.34 11.89
CA LEU B 217 -7.30 -23.05 12.71
C LEU B 217 -7.68 -22.19 13.90
N SER B 218 -8.97 -22.16 14.19
CA SER B 218 -9.47 -21.42 15.32
C SER B 218 -8.76 -21.93 16.61
N GLY B 219 -8.82 -21.11 17.65
CA GLY B 219 -8.23 -21.47 18.91
C GLY B 219 -8.71 -20.58 20.03
N ALA B 220 -7.93 -20.52 21.11
CA ALA B 220 -8.27 -19.68 22.25
C ALA B 220 -7.12 -18.77 22.63
N SER B 221 -6.16 -18.58 21.72
CA SER B 221 -4.96 -17.77 22.01
C SER B 221 -5.29 -16.30 22.29
N GLY B 222 -4.52 -15.67 23.14
CA GLY B 222 -4.68 -14.27 23.45
C GLY B 222 -5.76 -13.93 24.47
N ARG B 223 -6.12 -12.66 24.51
CA ARG B 223 -7.08 -12.17 25.48
C ARG B 223 -8.45 -12.60 25.02
N VAL B 224 -8.87 -13.75 25.51
CA VAL B 224 -10.22 -14.27 25.36
C VAL B 224 -10.53 -15.21 26.52
N SER B 225 -11.82 -15.45 26.69
CA SER B 225 -12.34 -16.25 27.77
C SER B 225 -12.55 -17.68 27.34
N GLY B 226 -12.30 -17.98 26.08
CA GLY B 226 -12.40 -19.36 25.64
C GLY B 226 -12.23 -19.43 24.14
N PRO B 227 -12.33 -20.62 23.58
CA PRO B 227 -12.16 -20.78 22.12
C PRO B 227 -13.29 -20.12 21.33
N ALA B 228 -12.94 -19.54 20.20
CA ALA B 228 -13.83 -18.71 19.40
C ALA B 228 -13.02 -18.10 18.28
N LEU B 229 -13.65 -17.78 17.15
CA LEU B 229 -12.96 -16.99 16.12
C LEU B 229 -13.40 -15.55 16.25
N HIS B 230 -12.45 -14.64 16.41
CA HIS B 230 -12.77 -13.22 16.43
C HIS B 230 -12.51 -12.74 15.03
N PHE B 231 -13.54 -12.18 14.41
CA PHE B 231 -13.49 -11.65 13.05
C PHE B 231 -13.77 -10.16 13.10
N GLY B 232 -12.87 -9.38 12.54
CA GLY B 232 -13.08 -7.94 12.45
C GLY B 232 -12.76 -7.40 11.07
N ILE B 233 -13.32 -6.23 10.79
CA ILE B 233 -12.99 -5.46 9.58
C ILE B 233 -12.55 -4.05 10.01
N LEU B 234 -11.45 -3.58 9.42
CA LEU B 234 -11.07 -2.20 9.54
C LEU B 234 -11.20 -1.55 8.17
N ALA B 235 -11.88 -0.40 8.12
CA ALA B 235 -12.01 0.34 6.88
C ALA B 235 -12.28 1.83 7.17
N GLY B 236 -11.73 2.71 6.33
CA GLY B 236 -11.75 4.15 6.63
C GLY B 236 -10.84 4.48 7.82
N GLY B 237 -9.84 3.64 8.04
CA GLY B 237 -8.96 3.82 9.20
C GLY B 237 -9.56 3.44 10.53
N LYS B 238 -10.83 3.01 10.52
CA LYS B 238 -11.52 2.59 11.76
C LYS B 238 -12.00 1.12 11.71
N GLN B 239 -11.96 0.46 12.86
CA GLN B 239 -12.67 -0.78 13.10
C GLN B 239 -14.15 -0.53 12.93
N VAL B 240 -14.81 -1.31 12.07
CA VAL B 240 -16.25 -1.17 11.86
C VAL B 240 -17.00 -2.51 11.93
N ASP B 241 -18.31 -2.41 12.12
CA ASP B 241 -19.21 -3.56 12.22
C ASP B 241 -18.99 -4.50 11.06
N PRO B 242 -18.45 -5.71 11.34
CA PRO B 242 -18.00 -6.63 10.29
C PRO B 242 -19.07 -7.05 9.33
N LEU B 243 -20.21 -7.49 9.89
CA LEU B 243 -21.27 -8.07 9.10
C LEU B 243 -22.01 -6.99 8.36
N ASP B 244 -22.20 -5.85 9.01
CA ASP B 244 -22.82 -4.70 8.37
C ASP B 244 -22.01 -4.31 7.13
N PHE B 245 -20.70 -4.20 7.32
CA PHE B 245 -19.79 -3.80 6.25
C PHE B 245 -19.80 -4.77 5.07
N VAL B 246 -19.68 -6.06 5.38
CA VAL B 246 -19.78 -7.13 4.37
C VAL B 246 -21.03 -6.95 3.53
N SER B 247 -22.09 -6.54 4.21
CA SER B 247 -23.41 -6.47 3.63
C SER B 247 -23.48 -5.28 2.69
N LYS B 248 -22.85 -4.19 3.11
CA LYS B 248 -22.76 -2.98 2.28
C LYS B 248 -21.79 -3.18 1.13
N PHE B 249 -20.69 -3.86 1.40
CA PHE B 249 -19.68 -4.11 0.37
C PHE B 249 -20.25 -4.98 -0.77
N ASN B 250 -20.88 -6.09 -0.40
CA ASN B 250 -21.42 -7.04 -1.39
C ASN B 250 -22.60 -6.46 -2.22
N ALA B 251 -23.33 -5.51 -1.66
CA ALA B 251 -24.37 -4.85 -2.41
C ALA B 251 -23.81 -4.16 -3.67
N ILE B 252 -22.56 -3.73 -3.58
CA ILE B 252 -21.88 -3.04 -4.69
C ILE B 252 -21.06 -4.00 -5.58
N PHE B 253 -20.43 -5.00 -4.95
CA PHE B 253 -19.36 -5.76 -5.56
C PHE B 253 -19.66 -7.21 -5.86
N GLN B 254 -20.89 -7.67 -5.62
CA GLN B 254 -21.22 -9.07 -5.79
C GLN B 254 -21.39 -9.32 -7.29
N LEU B 255 -20.33 -9.79 -7.93
CA LEU B 255 -20.37 -9.97 -9.40
C LEU B 255 -19.12 -10.72 -9.91
ZN ZN C . 2.17 4.91 -16.89
C4 HXO D . 6.89 5.34 -21.93
C5 HXO D . 4.83 6.30 -20.89
C6 HXO D . 11.65 6.06 -23.46
C11 HXO D . 5.19 7.78 -20.92
C12 HXO D . 3.89 6.00 -19.72
N1 HXO D . 9.26 5.56 -22.50
N2 HXO D . 6.12 5.67 -20.73
C3 HXO D . 10.63 5.13 -22.79
C1 HXO D . 8.63 4.46 -20.36
C2 HXO D . 8.28 4.69 -21.83
O2 HXO D . 10.98 4.05 -22.48
O3 HXO D . 6.43 5.59 -23.00
N4 HXO D . 2.48 6.33 -19.87
O8 HXO D . 4.28 5.51 -18.72
O9 HXO D . 1.58 6.10 -18.83
S12 HXO D . 12.90 8.31 -18.35
C21 HXO D . 10.90 5.16 -19.79
N21 HXO D . 13.00 8.27 -16.65
O21 HXO D . 12.85 9.87 -18.90
C23 HXO D . 9.57 5.53 -19.81
O24 HXO D . 14.26 7.59 -18.96
C31 HXO D . 9.18 6.81 -19.39
C41 HXO D . 10.16 7.70 -18.92
C51 HXO D . 11.50 7.29 -18.91
C61 HXO D . 11.85 6.02 -19.34
ZN ZN E . -14.06 -10.78 19.56
#